data_1RK0
#
_entry.id   1RK0
#
_cell.length_a   134.890
_cell.length_b   90.222
_cell.length_c   45.451
_cell.angle_alpha   90.00
_cell.angle_beta   90.00
_cell.angle_gamma   90.00
#
_symmetry.space_group_name_H-M   'P 21 21 2'
#
loop_
_entity.id
_entity.type
_entity.pdbx_description
1 polymer 'H-2 class I histocompatibility antigen, K-B alpha chain'
2 polymer Beta-2-microglobulin
3 polymer 'Glycoprotein B'
4 non-polymer 2-acetamido-2-deoxy-beta-D-glucopyranose
5 water water
#
loop_
_entity_poly.entity_id
_entity_poly.type
_entity_poly.pdbx_seq_one_letter_code
_entity_poly.pdbx_strand_id
1 'polypeptide(L)'
;GPHSLRYFVTAVSRPGLGEPRYMEVGYVDDTEFVRFDSDAENPRYEPRARWMEQEGPEYWERETQKAKGNEQSFRVDLRT
LLGYYNQSKGGSHTIQVISGCEVGSDGRLLRGYQQYAYDGCDYIALNEDLKTWTAADMAALITKHKWEQAGEAERLRAYL
EGTCVEWLRRYLKNGNATLLRTDSPKAHVTHHSRPEDKVTLRCWALGFYPADITLTWQLNGEELIQDMELVETRPAGDGT
FQKWASVVVPLGKEQYYTCHVYHQGLPEPLTLRW
;
A
2 'polypeptide(L)'
;IQKTPQIQVYSRHPPENGKPNILNCYVTQFHPPHIEIQMLKNGKKIPKVEMSDMSFSKDWSFYILAHTEFTPTETDTYAC
RVKHDSMAEPKTVYWDRDM
;
B
3 'polypeptide(L)' SSIEFARL P
#
loop_
_chem_comp.id
_chem_comp.type
_chem_comp.name
_chem_comp.formula
NAG D-saccharide, beta linking 2-acetamido-2-deoxy-beta-D-glucopyranose 'C8 H15 N O6'
#
# COMPACT_ATOMS: atom_id res chain seq x y z
N GLY A 1 10.38 -6.22 17.75
CA GLY A 1 9.56 -4.98 18.00
C GLY A 1 8.09 -5.22 17.77
N PRO A 2 7.29 -4.14 17.61
CA PRO A 2 5.85 -4.29 17.39
C PRO A 2 5.51 -4.83 15.99
N HIS A 3 4.36 -5.50 15.90
CA HIS A 3 3.88 -6.07 14.65
C HIS A 3 2.40 -5.77 14.50
N SER A 4 1.91 -5.78 13.27
CA SER A 4 0.52 -5.47 13.02
C SER A 4 -0.18 -6.33 11.96
N LEU A 5 -1.51 -6.33 12.03
CA LEU A 5 -2.34 -7.07 11.11
C LEU A 5 -3.34 -6.06 10.57
N ARG A 6 -3.34 -5.85 9.26
CA ARG A 6 -4.26 -4.88 8.67
C ARG A 6 -5.06 -5.40 7.49
N TYR A 7 -6.30 -4.92 7.40
CA TYR A 7 -7.16 -5.30 6.30
C TYR A 7 -7.68 -4.02 5.66
N PHE A 8 -7.41 -3.89 4.37
CA PHE A 8 -7.91 -2.74 3.63
C PHE A 8 -9.10 -3.26 2.87
N VAL A 9 -10.26 -2.67 3.12
CA VAL A 9 -11.49 -3.11 2.47
C VAL A 9 -12.09 -2.04 1.61
N THR A 10 -12.45 -2.42 0.39
CA THR A 10 -13.02 -1.47 -0.56
C THR A 10 -14.23 -2.05 -1.27
N ALA A 11 -15.24 -1.20 -1.43
CA ALA A 11 -16.47 -1.55 -2.13
C ALA A 11 -16.73 -0.35 -3.03
N VAL A 12 -16.79 -0.59 -4.33
CA VAL A 12 -17.01 0.49 -5.29
C VAL A 12 -18.20 0.16 -6.17
N SER A 13 -19.24 0.99 -6.14
CA SER A 13 -20.41 0.74 -6.97
C SER A 13 -20.17 1.19 -8.41
N ARG A 14 -20.95 0.63 -9.32
CA ARG A 14 -20.83 0.96 -10.73
C ARG A 14 -22.16 0.70 -11.41
N PRO A 15 -23.11 1.61 -11.22
CA PRO A 15 -24.46 1.51 -11.81
C PRO A 15 -24.45 1.27 -13.31
N GLY A 16 -25.27 0.34 -13.76
CA GLY A 16 -25.36 0.05 -15.18
C GLY A 16 -24.38 -1.02 -15.61
N LEU A 17 -23.40 -1.32 -14.76
CA LEU A 17 -22.40 -2.32 -15.09
C LEU A 17 -22.43 -3.52 -14.15
N GLY A 18 -23.45 -3.60 -13.31
CA GLY A 18 -23.56 -4.73 -12.41
C GLY A 18 -23.41 -4.40 -10.93
N GLU A 19 -23.06 -5.42 -10.16
CA GLU A 19 -22.88 -5.28 -8.72
C GLU A 19 -21.54 -4.63 -8.36
N PRO A 20 -21.48 -3.97 -7.19
CA PRO A 20 -20.27 -3.30 -6.71
C PRO A 20 -19.07 -4.24 -6.59
N ARG A 21 -17.89 -3.73 -6.93
CA ARG A 21 -16.66 -4.50 -6.83
C ARG A 21 -16.27 -4.49 -5.36
N TYR A 22 -15.89 -5.64 -4.82
CA TYR A 22 -15.51 -5.72 -3.42
C TYR A 22 -14.13 -6.33 -3.29
N MET A 23 -13.29 -5.71 -2.48
CA MET A 23 -11.93 -6.20 -2.28
C MET A 23 -11.46 -6.20 -0.85
N GLU A 24 -10.74 -7.25 -0.48
CA GLU A 24 -10.19 -7.39 0.85
C GLU A 24 -8.73 -7.75 0.68
N VAL A 25 -7.84 -6.90 1.19
CA VAL A 25 -6.43 -7.20 1.11
C VAL A 25 -5.89 -7.14 2.53
N GLY A 26 -5.18 -8.20 2.91
CA GLY A 26 -4.63 -8.29 4.24
C GLY A 26 -3.11 -8.23 4.32
N TYR A 27 -2.61 -7.58 5.37
CA TYR A 27 -1.17 -7.47 5.58
C TYR A 27 -0.75 -7.76 7.01
N VAL A 28 0.43 -8.34 7.13
CA VAL A 28 1.05 -8.58 8.43
C VAL A 28 2.29 -7.69 8.25
N ASP A 29 2.27 -6.53 8.92
CA ASP A 29 3.34 -5.53 8.82
C ASP A 29 3.29 -4.90 7.42
N ASP A 30 4.36 -5.04 6.65
CA ASP A 30 4.38 -4.47 5.31
C ASP A 30 4.32 -5.58 4.26
N THR A 31 3.85 -6.76 4.67
CA THR A 31 3.76 -7.91 3.79
C THR A 31 2.33 -8.41 3.52
N GLU A 32 1.91 -8.29 2.26
CA GLU A 32 0.59 -8.73 1.82
C GLU A 32 0.55 -10.26 2.00
N PHE A 33 -0.48 -10.79 2.66
CA PHE A 33 -0.55 -12.23 2.85
C PHE A 33 -1.85 -12.89 2.42
N VAL A 34 -2.93 -12.11 2.26
CA VAL A 34 -4.19 -12.67 1.79
C VAL A 34 -4.92 -11.66 0.92
N ARG A 35 -5.80 -12.14 0.06
CA ARG A 35 -6.54 -11.26 -0.83
C ARG A 35 -7.84 -11.89 -1.30
N PHE A 36 -8.85 -11.04 -1.53
CA PHE A 36 -10.15 -11.45 -2.05
C PHE A 36 -10.60 -10.36 -3.01
N ASP A 37 -10.90 -10.76 -4.24
CA ASP A 37 -11.34 -9.82 -5.26
C ASP A 37 -12.59 -10.39 -5.94
N SER A 38 -13.73 -9.74 -5.71
CA SER A 38 -15.00 -10.19 -6.28
C SER A 38 -15.10 -10.15 -7.81
N ASP A 39 -14.13 -9.50 -8.45
CA ASP A 39 -14.13 -9.42 -9.91
C ASP A 39 -13.37 -10.57 -10.55
N ALA A 40 -12.81 -11.44 -9.72
CA ALA A 40 -12.09 -12.60 -10.21
C ALA A 40 -13.14 -13.61 -10.68
N GLU A 41 -12.80 -14.41 -11.68
CA GLU A 41 -13.71 -15.42 -12.25
C GLU A 41 -14.41 -16.16 -11.12
N ASN A 42 -13.63 -16.85 -10.32
CA ASN A 42 -14.15 -17.60 -9.17
C ASN A 42 -13.58 -16.96 -7.91
N PRO A 43 -14.31 -15.98 -7.35
CA PRO A 43 -13.92 -15.25 -6.14
C PRO A 43 -13.62 -16.13 -4.93
N ARG A 44 -12.34 -16.34 -4.65
CA ARG A 44 -11.91 -17.14 -3.51
C ARG A 44 -10.98 -16.30 -2.64
N TYR A 45 -10.90 -16.62 -1.36
CA TYR A 45 -9.98 -15.90 -0.48
C TYR A 45 -8.69 -16.68 -0.75
N GLU A 46 -7.69 -16.01 -1.32
CA GLU A 46 -6.46 -16.71 -1.63
C GLU A 46 -5.20 -16.14 -1.01
N PRO A 47 -4.25 -17.01 -0.67
CA PRO A 47 -2.96 -16.66 -0.05
C PRO A 47 -2.08 -15.82 -0.97
N ARG A 48 -1.38 -14.84 -0.39
CA ARG A 48 -0.50 -13.97 -1.14
C ARG A 48 0.93 -14.13 -0.63
N ALA A 49 1.10 -14.93 0.41
CA ALA A 49 2.41 -15.19 0.98
C ALA A 49 2.60 -16.71 1.07
N ARG A 50 3.80 -17.17 0.75
CA ARG A 50 4.06 -18.60 0.77
C ARG A 50 3.86 -19.27 2.10
N TRP A 51 4.12 -18.57 3.20
CA TRP A 51 3.94 -19.17 4.50
C TRP A 51 2.47 -19.41 4.87
N MET A 52 1.55 -18.83 4.10
CA MET A 52 0.13 -19.03 4.37
C MET A 52 -0.32 -20.41 3.89
N GLU A 53 0.62 -21.20 3.41
CA GLU A 53 0.32 -22.55 2.94
C GLU A 53 0.09 -23.45 4.16
N GLN A 54 0.38 -22.92 5.35
CA GLN A 54 0.22 -23.67 6.56
C GLN A 54 -1.22 -23.72 7.06
N GLU A 55 -2.11 -23.00 6.41
CA GLU A 55 -3.52 -23.00 6.80
C GLU A 55 -4.30 -24.08 6.05
N GLY A 56 -5.09 -24.86 6.79
CA GLY A 56 -5.88 -25.92 6.17
C GLY A 56 -6.96 -25.39 5.24
N PRO A 57 -7.66 -26.29 4.54
CA PRO A 57 -8.73 -25.91 3.61
C PRO A 57 -9.95 -25.26 4.30
N GLU A 58 -10.18 -25.61 5.56
CA GLU A 58 -11.28 -25.04 6.31
C GLU A 58 -11.10 -23.53 6.42
N TYR A 59 -9.86 -23.10 6.69
CA TYR A 59 -9.55 -21.68 6.81
C TYR A 59 -9.94 -20.94 5.55
N TRP A 60 -9.55 -21.48 4.40
CA TRP A 60 -9.86 -20.82 3.15
C TRP A 60 -11.37 -20.79 2.86
N GLU A 61 -12.07 -21.84 3.26
CA GLU A 61 -13.49 -21.89 3.01
C GLU A 61 -14.21 -20.86 3.87
N ARG A 62 -13.83 -20.83 5.15
CA ARG A 62 -14.43 -19.91 6.09
C ARG A 62 -14.19 -18.48 5.69
N GLU A 63 -12.95 -18.16 5.34
CA GLU A 63 -12.67 -16.80 4.94
C GLU A 63 -13.39 -16.44 3.64
N THR A 64 -13.41 -17.37 2.69
CA THR A 64 -14.09 -17.08 1.44
C THR A 64 -15.57 -16.79 1.68
N GLN A 65 -16.16 -17.47 2.67
CA GLN A 65 -17.57 -17.27 3.01
C GLN A 65 -17.73 -15.90 3.65
N LYS A 66 -16.93 -15.63 4.68
CA LYS A 66 -17.00 -14.33 5.35
C LYS A 66 -16.88 -13.20 4.34
N ALA A 67 -15.94 -13.33 3.41
CA ALA A 67 -15.71 -12.30 2.39
C ALA A 67 -16.95 -12.10 1.52
N LYS A 68 -17.52 -13.18 1.02
CA LYS A 68 -18.73 -13.06 0.19
C LYS A 68 -19.86 -12.45 1.02
N GLY A 69 -19.87 -12.74 2.32
CA GLY A 69 -20.88 -12.16 3.19
C GLY A 69 -20.68 -10.66 3.21
N ASN A 70 -19.43 -10.21 3.30
CA ASN A 70 -19.12 -8.78 3.31
C ASN A 70 -19.44 -8.11 1.98
N GLU A 71 -19.21 -8.81 0.88
CA GLU A 71 -19.50 -8.27 -0.45
C GLU A 71 -20.99 -7.97 -0.59
N GLN A 72 -21.83 -8.82 -0.01
CA GLN A 72 -23.26 -8.62 -0.06
C GLN A 72 -23.66 -7.50 0.89
N SER A 73 -23.19 -7.59 2.13
CA SER A 73 -23.53 -6.59 3.12
C SER A 73 -23.02 -5.18 2.78
N PHE A 74 -21.94 -5.06 2.00
CA PHE A 74 -21.46 -3.74 1.64
C PHE A 74 -22.33 -3.17 0.51
N ARG A 75 -22.95 -4.07 -0.26
CA ARG A 75 -23.83 -3.67 -1.34
C ARG A 75 -24.99 -2.93 -0.67
N VAL A 76 -25.36 -3.39 0.52
CA VAL A 76 -26.42 -2.81 1.31
C VAL A 76 -25.97 -1.47 1.88
N ASP A 77 -24.70 -1.37 2.28
CA ASP A 77 -24.19 -0.11 2.83
C ASP A 77 -24.16 1.00 1.79
N LEU A 78 -23.81 0.65 0.55
CA LEU A 78 -23.75 1.65 -0.52
C LEU A 78 -25.14 2.25 -0.78
N ARG A 79 -26.19 1.44 -0.75
CA ARG A 79 -27.53 1.96 -0.97
C ARG A 79 -27.91 2.85 0.20
N THR A 80 -27.59 2.41 1.41
CA THR A 80 -27.90 3.16 2.61
C THR A 80 -27.32 4.57 2.57
N LEU A 81 -26.02 4.67 2.27
CA LEU A 81 -25.39 5.99 2.22
C LEU A 81 -26.05 6.90 1.17
N LEU A 82 -26.46 6.34 0.04
CA LEU A 82 -27.13 7.14 -1.00
C LEU A 82 -28.30 7.88 -0.36
N GLY A 83 -28.97 7.19 0.58
CA GLY A 83 -30.10 7.79 1.28
C GLY A 83 -29.65 8.83 2.28
N TYR A 84 -28.60 8.54 3.05
CA TYR A 84 -28.10 9.48 4.03
C TYR A 84 -27.71 10.79 3.36
N TYR A 85 -27.05 10.68 2.21
CA TYR A 85 -26.61 11.85 1.48
C TYR A 85 -27.55 12.37 0.41
N ASN A 86 -28.70 11.72 0.23
CA ASN A 86 -29.66 12.14 -0.78
C ASN A 86 -28.93 12.23 -2.11
N GLN A 87 -28.33 11.13 -2.55
CA GLN A 87 -27.58 11.13 -3.81
C GLN A 87 -28.26 10.35 -4.92
N SER A 88 -27.88 10.69 -6.15
CA SER A 88 -28.39 10.05 -7.35
C SER A 88 -28.08 8.55 -7.31
N LYS A 89 -28.99 7.76 -7.86
CA LYS A 89 -28.84 6.32 -7.88
C LYS A 89 -27.93 5.86 -9.02
N GLY A 90 -27.43 6.82 -9.80
CA GLY A 90 -26.58 6.44 -10.93
C GLY A 90 -25.13 6.87 -10.91
N GLY A 91 -24.62 7.24 -9.74
CA GLY A 91 -23.22 7.64 -9.67
C GLY A 91 -22.38 6.58 -8.98
N SER A 92 -21.07 6.59 -9.23
CA SER A 92 -20.19 5.63 -8.60
C SER A 92 -19.73 6.17 -7.24
N HIS A 93 -19.76 5.32 -6.22
CA HIS A 93 -19.35 5.75 -4.89
C HIS A 93 -18.43 4.72 -4.24
N THR A 94 -17.64 5.17 -3.28
CA THR A 94 -16.70 4.28 -2.61
C THR A 94 -16.73 4.22 -1.09
N ILE A 95 -16.70 3.01 -0.55
CA ILE A 95 -16.64 2.83 0.90
C ILE A 95 -15.29 2.17 1.13
N GLN A 96 -14.51 2.71 2.06
CA GLN A 96 -13.20 2.16 2.41
C GLN A 96 -13.10 1.83 3.90
N VAL A 97 -12.39 0.77 4.23
CA VAL A 97 -12.23 0.41 5.63
C VAL A 97 -10.84 -0.13 5.92
N ILE A 98 -10.27 0.30 7.04
CA ILE A 98 -8.99 -0.20 7.48
C ILE A 98 -9.31 -0.81 8.83
N SER A 99 -9.00 -2.10 8.98
CA SER A 99 -9.31 -2.80 10.23
C SER A 99 -8.14 -3.65 10.69
N GLY A 100 -7.89 -3.66 11.99
CA GLY A 100 -6.79 -4.47 12.48
C GLY A 100 -6.31 -4.12 13.86
N CYS A 101 -5.22 -4.76 14.25
CA CYS A 101 -4.63 -4.56 15.56
C CYS A 101 -3.11 -4.48 15.46
N GLU A 102 -2.49 -4.05 16.55
CA GLU A 102 -1.05 -3.93 16.61
C GLU A 102 -0.62 -4.55 17.95
N VAL A 103 0.46 -5.32 17.95
CA VAL A 103 0.94 -5.93 19.17
C VAL A 103 2.43 -5.64 19.36
N GLY A 104 2.88 -5.65 20.62
CA GLY A 104 4.29 -5.40 20.90
C GLY A 104 5.13 -6.65 20.70
N SER A 105 6.36 -6.63 21.20
CA SER A 105 7.27 -7.77 21.09
C SER A 105 6.77 -8.96 21.90
N ASP A 106 6.13 -8.67 23.03
CA ASP A 106 5.61 -9.73 23.90
C ASP A 106 4.28 -10.31 23.42
N GLY A 107 3.72 -9.72 22.36
CA GLY A 107 2.47 -10.24 21.82
C GLY A 107 1.17 -9.68 22.36
N ARG A 108 1.23 -8.64 23.20
CA ARG A 108 0.01 -8.06 23.74
C ARG A 108 -0.49 -6.94 22.84
N LEU A 109 -1.77 -6.60 22.98
CA LEU A 109 -2.38 -5.55 22.17
C LEU A 109 -1.84 -4.17 22.51
N LEU A 110 -1.41 -3.43 21.49
CA LEU A 110 -0.91 -2.07 21.67
C LEU A 110 -1.94 -1.12 21.11
N ARG A 111 -2.52 -1.49 19.98
CA ARG A 111 -3.49 -0.63 19.33
C ARG A 111 -4.52 -1.44 18.59
N GLY A 112 -5.72 -0.88 18.49
CA GLY A 112 -6.78 -1.54 17.75
C GLY A 112 -7.41 -0.47 16.89
N TYR A 113 -7.81 -0.80 15.67
CA TYR A 113 -8.43 0.20 14.82
C TYR A 113 -9.48 -0.31 13.84
N GLN A 114 -10.46 0.55 13.59
CA GLN A 114 -11.57 0.29 12.67
C GLN A 114 -11.93 1.66 12.10
N GLN A 115 -11.52 1.93 10.87
CA GLN A 115 -11.79 3.22 10.24
C GLN A 115 -12.47 3.13 8.88
N TYR A 116 -13.58 3.83 8.75
CA TYR A 116 -14.37 3.87 7.53
C TYR A 116 -14.27 5.25 6.87
N ALA A 117 -14.43 5.27 5.54
CA ALA A 117 -14.39 6.50 4.76
C ALA A 117 -15.40 6.35 3.62
N TYR A 118 -16.03 7.46 3.23
CA TYR A 118 -16.97 7.43 2.11
C TYR A 118 -16.52 8.39 1.03
N ASP A 119 -16.44 7.89 -0.20
CA ASP A 119 -15.98 8.71 -1.31
C ASP A 119 -14.69 9.45 -0.99
N GLY A 120 -13.74 8.73 -0.38
CA GLY A 120 -12.44 9.30 -0.05
C GLY A 120 -12.36 10.21 1.16
N CYS A 121 -13.42 10.27 1.96
CA CYS A 121 -13.43 11.14 3.13
C CYS A 121 -13.83 10.44 4.40
N ASP A 122 -13.27 10.90 5.52
CA ASP A 122 -13.56 10.35 6.84
C ASP A 122 -15.06 10.22 7.02
N TYR A 123 -15.48 9.06 7.51
CA TYR A 123 -16.89 8.82 7.76
C TYR A 123 -16.99 8.61 9.26
N ILE A 124 -16.54 7.45 9.72
CA ILE A 124 -16.59 7.13 11.13
C ILE A 124 -15.34 6.34 11.53
N ALA A 125 -15.04 6.33 12.81
CA ALA A 125 -13.86 5.62 13.31
C ALA A 125 -13.99 5.28 14.79
N LEU A 126 -13.44 4.12 15.16
CA LEU A 126 -13.46 3.71 16.56
C LEU A 126 -12.30 4.45 17.24
N ASN A 127 -12.59 5.12 18.35
CA ASN A 127 -11.55 5.85 19.07
C ASN A 127 -10.56 4.90 19.76
N GLU A 128 -9.40 5.41 20.12
CA GLU A 128 -8.36 4.61 20.75
C GLU A 128 -8.83 3.86 22.00
N ASP A 129 -9.89 4.35 22.64
CA ASP A 129 -10.40 3.70 23.84
C ASP A 129 -11.15 2.41 23.52
N LEU A 130 -11.51 2.23 22.24
CA LEU A 130 -12.22 1.05 21.79
C LEU A 130 -13.61 0.95 22.41
N LYS A 131 -14.16 2.08 22.82
CA LYS A 131 -15.49 2.11 23.42
C LYS A 131 -16.41 3.14 22.74
N THR A 132 -15.84 4.23 22.25
CA THR A 132 -16.63 5.27 21.61
C THR A 132 -16.22 5.55 20.17
N TRP A 133 -17.15 6.10 19.39
CA TRP A 133 -16.90 6.39 17.99
C TRP A 133 -16.80 7.89 17.69
N THR A 134 -16.17 8.23 16.58
CA THR A 134 -16.06 9.61 16.19
C THR A 134 -16.60 9.72 14.77
N ALA A 135 -17.69 10.48 14.62
CA ALA A 135 -18.35 10.66 13.32
C ALA A 135 -17.85 11.94 12.63
N ALA A 136 -17.56 11.83 11.33
CA ALA A 136 -17.05 12.96 10.56
C ALA A 136 -18.12 13.95 10.09
N ASP A 137 -19.34 13.46 9.88
CA ASP A 137 -20.44 14.32 9.46
C ASP A 137 -21.77 13.79 9.99
N MET A 138 -22.86 14.47 9.67
CA MET A 138 -24.16 14.07 10.15
C MET A 138 -24.60 12.68 9.68
N ALA A 139 -24.16 12.29 8.49
CA ALA A 139 -24.50 10.96 7.97
C ALA A 139 -23.89 9.90 8.89
N ALA A 140 -22.61 10.02 9.20
CA ALA A 140 -21.93 9.06 10.07
C ALA A 140 -22.53 9.09 11.46
N LEU A 141 -23.13 10.22 11.82
CA LEU A 141 -23.74 10.36 13.14
C LEU A 141 -24.92 9.41 13.29
N ILE A 142 -25.54 9.05 12.17
CA ILE A 142 -26.68 8.15 12.18
C ILE A 142 -26.17 6.76 12.47
N THR A 143 -25.07 6.40 11.82
CA THR A 143 -24.47 5.08 12.00
C THR A 143 -24.01 4.95 13.44
N LYS A 144 -23.45 6.03 13.97
CA LYS A 144 -22.95 6.05 15.34
C LYS A 144 -24.07 5.72 16.31
N HIS A 145 -25.25 6.31 16.10
CA HIS A 145 -26.37 6.04 16.99
C HIS A 145 -26.79 4.57 16.93
N LYS A 146 -26.77 3.98 15.73
CA LYS A 146 -27.13 2.56 15.56
C LYS A 146 -26.14 1.61 16.24
N TRP A 147 -24.86 1.84 15.98
CA TRP A 147 -23.80 1.01 16.55
C TRP A 147 -23.77 1.06 18.07
N GLU A 148 -24.12 2.21 18.64
CA GLU A 148 -24.15 2.34 20.10
C GLU A 148 -25.30 1.51 20.65
N GLN A 149 -26.42 1.55 19.95
CA GLN A 149 -27.59 0.79 20.34
C GLN A 149 -27.39 -0.72 20.21
N ALA A 150 -26.53 -1.13 19.28
CA ALA A 150 -26.24 -2.55 19.07
C ALA A 150 -24.99 -3.02 19.82
N GLY A 151 -24.31 -2.09 20.50
CA GLY A 151 -23.11 -2.48 21.24
C GLY A 151 -21.99 -2.89 20.29
N GLU A 152 -21.99 -2.27 19.12
CA GLU A 152 -21.00 -2.55 18.09
C GLU A 152 -19.58 -2.38 18.60
N ALA A 153 -19.34 -1.33 19.38
CA ALA A 153 -18.01 -1.07 19.92
C ALA A 153 -17.51 -2.25 20.74
N GLU A 154 -18.40 -2.78 21.58
CA GLU A 154 -18.09 -3.90 22.45
C GLU A 154 -17.71 -5.13 21.63
N ARG A 155 -18.46 -5.37 20.57
CA ARG A 155 -18.23 -6.50 19.69
C ARG A 155 -16.89 -6.32 18.97
N LEU A 156 -16.60 -5.09 18.59
CA LEU A 156 -15.36 -4.80 17.90
C LEU A 156 -14.18 -4.86 18.84
N ARG A 157 -14.41 -4.57 20.12
CA ARG A 157 -13.34 -4.61 21.12
C ARG A 157 -12.98 -6.04 21.48
N ALA A 158 -13.98 -6.92 21.47
CA ALA A 158 -13.77 -8.33 21.76
C ALA A 158 -12.97 -8.95 20.63
N TYR A 159 -13.24 -8.48 19.42
CA TYR A 159 -12.55 -8.97 18.23
C TYR A 159 -11.09 -8.53 18.26
N LEU A 160 -10.86 -7.25 18.51
CA LEU A 160 -9.51 -6.69 18.55
C LEU A 160 -8.65 -7.30 19.65
N GLU A 161 -9.21 -7.40 20.84
CA GLU A 161 -8.46 -7.94 21.98
C GLU A 161 -8.33 -9.46 21.94
N GLY A 162 -9.23 -10.12 21.23
CA GLY A 162 -9.17 -11.57 21.17
C GLY A 162 -8.80 -12.09 19.80
N THR A 163 -9.80 -12.24 18.94
CA THR A 163 -9.58 -12.75 17.60
C THR A 163 -8.43 -12.13 16.81
N CYS A 164 -8.48 -10.81 16.61
CA CYS A 164 -7.43 -10.13 15.84
C CYS A 164 -6.04 -10.41 16.36
N VAL A 165 -5.85 -10.19 17.65
CA VAL A 165 -4.57 -10.40 18.30
C VAL A 165 -4.07 -11.84 18.19
N GLU A 166 -4.99 -12.80 18.30
CA GLU A 166 -4.64 -14.21 18.24
C GLU A 166 -4.19 -14.68 16.87
N TRP A 167 -4.82 -14.20 15.81
CA TRP A 167 -4.40 -14.61 14.49
C TRP A 167 -3.07 -13.95 14.16
N LEU A 168 -2.89 -12.71 14.60
CA LEU A 168 -1.64 -12.01 14.36
C LEU A 168 -0.48 -12.82 14.94
N ARG A 169 -0.65 -13.30 16.18
CA ARG A 169 0.38 -14.11 16.81
C ARG A 169 0.63 -15.39 16.01
N ARG A 170 -0.46 -16.00 15.55
CA ARG A 170 -0.35 -17.22 14.77
C ARG A 170 0.34 -16.95 13.43
N TYR A 171 0.01 -15.83 12.80
CA TYR A 171 0.63 -15.48 11.53
C TYR A 171 2.14 -15.26 11.68
N LEU A 172 2.53 -14.52 12.70
CA LEU A 172 3.94 -14.25 12.95
C LEU A 172 4.70 -15.55 13.19
N LYS A 173 4.06 -16.47 13.92
CA LYS A 173 4.65 -17.76 14.24
C LYS A 173 4.88 -18.59 12.99
N ASN A 174 3.82 -18.80 12.21
CA ASN A 174 3.94 -19.59 10.99
C ASN A 174 4.85 -18.97 9.91
N GLY A 175 4.89 -17.64 9.85
CA GLY A 175 5.71 -16.99 8.85
C GLY A 175 6.94 -16.29 9.42
N ASN A 176 7.48 -16.79 10.52
CA ASN A 176 8.64 -16.17 11.13
C ASN A 176 9.83 -16.02 10.19
N ALA A 177 10.06 -17.02 9.34
CA ALA A 177 11.19 -16.97 8.41
C ALA A 177 11.10 -15.74 7.52
N THR A 178 9.88 -15.34 7.20
CA THR A 178 9.63 -14.19 6.34
C THR A 178 9.41 -12.89 7.11
N LEU A 179 8.39 -12.87 7.97
CA LEU A 179 8.04 -11.68 8.73
C LEU A 179 9.12 -11.14 9.68
N LEU A 180 9.86 -12.03 10.31
CA LEU A 180 10.89 -11.59 11.24
C LEU A 180 12.27 -11.42 10.62
N ARG A 181 12.39 -11.54 9.32
CA ARG A 181 13.71 -11.38 8.71
C ARG A 181 14.05 -9.89 8.63
N THR A 182 15.32 -9.60 8.42
CA THR A 182 15.76 -8.22 8.28
C THR A 182 16.72 -8.13 7.10
N ASP A 183 16.24 -7.59 5.99
CA ASP A 183 17.10 -7.46 4.81
C ASP A 183 17.79 -6.11 4.83
N SER A 184 19.12 -6.15 4.79
CA SER A 184 19.95 -4.95 4.80
C SER A 184 19.91 -4.15 3.51
N PRO A 185 19.78 -2.83 3.63
CA PRO A 185 19.73 -1.96 2.46
C PRO A 185 21.06 -1.96 1.72
N LYS A 186 20.99 -1.92 0.40
CA LYS A 186 22.17 -1.85 -0.44
C LYS A 186 22.08 -0.42 -0.98
N ALA A 187 23.11 0.39 -0.73
CA ALA A 187 23.07 1.77 -1.16
C ALA A 187 24.10 2.12 -2.22
N HIS A 188 23.79 3.21 -2.95
CA HIS A 188 24.68 3.75 -3.97
C HIS A 188 24.21 5.14 -4.35
N VAL A 189 25.08 5.90 -5.00
CA VAL A 189 24.77 7.27 -5.38
C VAL A 189 24.94 7.52 -6.87
N THR A 190 23.98 8.22 -7.47
CA THR A 190 24.07 8.55 -8.88
C THR A 190 24.25 10.06 -8.99
N HIS A 191 24.85 10.47 -10.09
CA HIS A 191 25.17 11.88 -10.35
C HIS A 191 24.49 12.36 -11.64
N HIS A 192 23.90 13.56 -11.59
CA HIS A 192 23.21 14.15 -12.74
C HIS A 192 23.50 15.65 -12.88
N SER A 193 23.90 16.06 -14.08
CA SER A 193 24.22 17.45 -14.36
C SER A 193 22.98 18.31 -14.47
N ARG A 194 23.09 19.55 -14.02
CA ARG A 194 21.98 20.50 -14.08
C ARG A 194 22.47 21.77 -14.72
N PRO A 195 21.55 22.63 -15.15
CA PRO A 195 21.98 23.88 -15.77
C PRO A 195 22.61 24.79 -14.71
N GLU A 196 23.64 25.52 -15.10
CA GLU A 196 24.33 26.44 -14.22
C GLU A 196 25.17 25.78 -13.12
N ASP A 197 26.20 25.07 -13.55
CA ASP A 197 27.14 24.39 -12.67
C ASP A 197 26.57 23.79 -11.38
N LYS A 198 25.43 23.13 -11.48
CA LYS A 198 24.80 22.49 -10.33
C LYS A 198 24.54 21.04 -10.70
N VAL A 199 24.62 20.15 -9.71
CA VAL A 199 24.37 18.74 -9.97
C VAL A 199 23.40 18.14 -8.96
N THR A 200 22.67 17.12 -9.41
CA THR A 200 21.72 16.43 -8.55
C THR A 200 22.41 15.17 -8.05
N LEU A 201 22.44 14.99 -6.74
CA LEU A 201 23.02 13.78 -6.18
C LEU A 201 21.86 12.95 -5.66
N ARG A 202 21.81 11.69 -6.05
CA ARG A 202 20.73 10.82 -5.63
C ARG A 202 21.22 9.61 -4.89
N CYS A 203 20.68 9.42 -3.69
CA CYS A 203 21.04 8.30 -2.85
C CYS A 203 19.95 7.25 -2.90
N TRP A 204 20.33 6.01 -3.22
CA TRP A 204 19.38 4.91 -3.33
C TRP A 204 19.60 3.87 -2.25
N ALA A 205 18.52 3.40 -1.65
CA ALA A 205 18.57 2.34 -0.66
C ALA A 205 17.74 1.22 -1.30
N LEU A 206 18.35 0.07 -1.57
CA LEU A 206 17.65 -1.04 -2.23
C LEU A 206 17.61 -2.38 -1.49
N GLY A 207 16.56 -3.16 -1.77
CA GLY A 207 16.38 -4.50 -1.22
C GLY A 207 16.30 -4.69 0.28
N PHE A 208 15.75 -3.71 0.98
CA PHE A 208 15.65 -3.80 2.42
C PHE A 208 14.28 -4.21 2.96
N TYR A 209 14.28 -4.74 4.19
CA TYR A 209 13.05 -5.16 4.86
C TYR A 209 13.32 -5.15 6.36
N PRO A 210 12.37 -4.64 7.16
CA PRO A 210 11.09 -4.06 6.77
C PRO A 210 11.17 -2.71 6.06
N ALA A 211 10.00 -2.18 5.72
CA ALA A 211 9.88 -0.93 5.01
C ALA A 211 10.49 0.29 5.68
N ASP A 212 10.30 0.44 6.99
CA ASP A 212 10.83 1.61 7.70
C ASP A 212 12.33 1.83 7.49
N ILE A 213 12.67 3.05 7.07
CA ILE A 213 14.06 3.40 6.81
C ILE A 213 14.19 4.91 6.84
N THR A 214 15.42 5.40 6.99
CA THR A 214 15.66 6.84 6.99
C THR A 214 16.85 7.16 6.09
N LEU A 215 16.65 8.14 5.20
CA LEU A 215 17.69 8.60 4.27
C LEU A 215 17.88 10.09 4.49
N THR A 216 19.12 10.48 4.81
CA THR A 216 19.40 11.88 5.04
C THR A 216 20.69 12.35 4.37
N TRP A 217 20.66 13.56 3.84
CA TRP A 217 21.84 14.14 3.19
C TRP A 217 22.50 15.12 4.15
N GLN A 218 23.83 15.09 4.23
CA GLN A 218 24.54 15.98 5.13
C GLN A 218 25.66 16.79 4.47
N LEU A 219 25.94 17.94 5.08
CA LEU A 219 26.99 18.85 4.63
C LEU A 219 27.68 19.41 5.87
N ASN A 220 28.90 18.96 6.11
CA ASN A 220 29.65 19.42 7.28
C ASN A 220 28.95 19.01 8.58
N GLY A 221 28.35 17.83 8.59
CA GLY A 221 27.68 17.34 9.78
C GLY A 221 26.22 17.73 9.94
N GLU A 222 25.76 18.71 9.17
CA GLU A 222 24.36 19.14 9.26
C GLU A 222 23.48 18.46 8.22
N GLU A 223 22.20 18.32 8.54
CA GLU A 223 21.24 17.70 7.64
C GLU A 223 20.59 18.72 6.70
N LEU A 224 20.08 18.24 5.58
CA LEU A 224 19.46 19.10 4.59
C LEU A 224 18.04 18.62 4.27
N ILE A 225 17.32 18.17 5.28
CA ILE A 225 15.95 17.69 5.08
C ILE A 225 15.08 18.76 4.43
N GLN A 226 15.56 20.00 4.49
CA GLN A 226 14.84 21.14 3.91
C GLN A 226 14.88 21.22 2.39
N ASP A 227 16.07 21.11 1.81
CA ASP A 227 16.22 21.19 0.36
C ASP A 227 16.44 19.82 -0.27
N MET A 228 15.89 18.80 0.38
CA MET A 228 16.02 17.43 -0.08
C MET A 228 14.76 16.90 -0.75
N GLU A 229 14.92 16.22 -1.87
CA GLU A 229 13.82 15.65 -2.64
C GLU A 229 13.80 14.14 -2.39
N LEU A 230 12.63 13.53 -2.37
CA LEU A 230 12.54 12.09 -2.11
C LEU A 230 11.21 11.47 -2.51
N VAL A 231 11.12 10.15 -2.41
CA VAL A 231 9.90 9.44 -2.74
C VAL A 231 9.51 8.55 -1.59
N GLU A 232 8.21 8.41 -1.38
CA GLU A 232 7.70 7.55 -0.33
C GLU A 232 8.28 6.17 -0.56
N THR A 233 8.74 5.53 0.51
CA THR A 233 9.28 4.19 0.39
C THR A 233 8.30 3.35 -0.44
N ARG A 234 8.83 2.51 -1.31
CA ARG A 234 7.98 1.70 -2.18
C ARG A 234 8.43 0.25 -2.33
N PRO A 235 7.47 -0.65 -2.66
CA PRO A 235 7.67 -2.10 -2.86
C PRO A 235 8.38 -2.34 -4.19
N ALA A 236 9.29 -3.31 -4.20
CA ALA A 236 10.04 -3.59 -5.41
C ALA A 236 9.60 -4.84 -6.16
N GLY A 237 8.52 -5.46 -5.71
CA GLY A 237 8.03 -6.64 -6.40
C GLY A 237 8.43 -8.01 -5.89
N ASP A 238 9.28 -8.07 -4.86
CA ASP A 238 9.71 -9.35 -4.31
C ASP A 238 9.64 -9.34 -2.79
N GLY A 239 8.77 -8.51 -2.24
CA GLY A 239 8.64 -8.43 -0.80
C GLY A 239 9.64 -7.50 -0.13
N THR A 240 10.46 -6.80 -0.92
CA THR A 240 11.42 -5.86 -0.33
C THR A 240 11.06 -4.47 -0.79
N PHE A 241 11.72 -3.46 -0.21
CA PHE A 241 11.42 -2.09 -0.55
C PHE A 241 12.62 -1.28 -1.01
N GLN A 242 12.34 -0.08 -1.53
CA GLN A 242 13.42 0.81 -1.95
C GLN A 242 13.00 2.25 -1.75
N LYS A 243 13.98 3.13 -1.72
CA LYS A 243 13.71 4.54 -1.50
C LYS A 243 14.90 5.34 -1.98
N TRP A 244 14.65 6.60 -2.35
CA TRP A 244 15.75 7.45 -2.76
C TRP A 244 15.51 8.86 -2.27
N ALA A 245 16.60 9.59 -2.08
CA ALA A 245 16.58 10.97 -1.63
C ALA A 245 17.64 11.73 -2.42
N SER A 246 17.29 12.92 -2.90
CA SER A 246 18.21 13.71 -3.69
C SER A 246 18.36 15.13 -3.20
N VAL A 247 19.50 15.74 -3.52
CA VAL A 247 19.77 17.10 -3.15
C VAL A 247 20.56 17.74 -4.28
N VAL A 248 20.34 19.04 -4.49
CA VAL A 248 21.05 19.76 -5.54
C VAL A 248 22.26 20.47 -4.95
N VAL A 249 23.45 20.16 -5.46
CA VAL A 249 24.66 20.78 -4.94
C VAL A 249 25.50 21.48 -6.00
N PRO A 250 26.41 22.38 -5.58
CA PRO A 250 27.28 23.12 -6.49
C PRO A 250 28.27 22.17 -7.15
N LEU A 251 28.47 22.32 -8.45
CA LEU A 251 29.40 21.49 -9.18
C LEU A 251 30.79 21.60 -8.54
N GLY A 252 31.54 20.50 -8.54
CA GLY A 252 32.86 20.53 -7.94
C GLY A 252 32.85 20.43 -6.42
N LYS A 253 31.69 20.65 -5.81
CA LYS A 253 31.55 20.59 -4.36
C LYS A 253 30.80 19.32 -3.92
N GLU A 254 30.77 18.31 -4.78
CA GLU A 254 30.06 17.06 -4.48
C GLU A 254 30.64 16.29 -3.30
N GLN A 255 31.96 16.16 -3.29
CA GLN A 255 32.65 15.43 -2.24
C GLN A 255 32.30 15.87 -0.81
N TYR A 256 31.70 17.04 -0.63
CA TYR A 256 31.35 17.51 0.72
C TYR A 256 29.97 17.08 1.19
N TYR A 257 29.30 16.24 0.39
CA TYR A 257 27.98 15.77 0.77
C TYR A 257 27.99 14.25 0.92
N THR A 258 27.44 13.77 2.04
CA THR A 258 27.37 12.34 2.28
C THR A 258 25.95 11.89 2.54
N CYS A 259 25.65 10.66 2.12
CA CYS A 259 24.35 10.08 2.33
C CYS A 259 24.40 9.18 3.55
N HIS A 260 23.35 9.22 4.35
CA HIS A 260 23.27 8.41 5.55
C HIS A 260 22.02 7.57 5.51
N VAL A 261 22.21 6.26 5.63
CA VAL A 261 21.10 5.31 5.59
C VAL A 261 20.98 4.59 6.94
N TYR A 262 19.85 4.77 7.61
CA TYR A 262 19.62 4.10 8.88
C TYR A 262 18.53 3.06 8.68
N HIS A 263 18.78 1.85 9.15
CA HIS A 263 17.82 0.77 9.00
C HIS A 263 18.11 -0.34 10.01
N GLN A 264 17.07 -1.01 10.49
CA GLN A 264 17.29 -2.06 11.47
C GLN A 264 17.98 -3.28 10.89
N GLY A 265 18.62 -3.10 9.75
CA GLY A 265 19.37 -4.18 9.12
C GLY A 265 20.81 -3.73 9.04
N LEU A 266 21.03 -2.47 9.42
CA LEU A 266 22.35 -1.86 9.41
C LEU A 266 22.82 -1.64 10.84
N PRO A 267 23.61 -2.59 11.38
CA PRO A 267 24.12 -2.47 12.74
C PRO A 267 24.79 -1.11 12.91
N GLU A 268 25.18 -0.53 11.78
CA GLU A 268 25.81 0.78 11.74
C GLU A 268 25.33 1.41 10.45
N PRO A 269 24.75 2.61 10.53
CA PRO A 269 24.26 3.26 9.31
C PRO A 269 25.33 3.44 8.24
N LEU A 270 24.88 3.36 6.99
CA LEU A 270 25.78 3.52 5.86
C LEU A 270 26.07 5.00 5.66
N THR A 271 27.20 5.28 5.01
CA THR A 271 27.59 6.66 4.73
C THR A 271 28.29 6.67 3.38
N LEU A 272 27.64 7.23 2.37
CA LEU A 272 28.24 7.28 1.06
C LEU A 272 28.33 8.70 0.54
N ARG A 273 29.20 8.87 -0.45
CA ARG A 273 29.41 10.13 -1.11
C ARG A 273 29.49 9.74 -2.58
N TRP A 274 29.68 10.69 -3.47
CA TRP A 274 29.76 10.33 -4.88
C TRP A 274 31.21 9.98 -5.29
N ILE B 1 -13.84 13.53 -3.91
CA ILE B 1 -12.56 14.25 -4.17
C ILE B 1 -11.77 13.51 -5.24
N GLN B 2 -11.18 14.25 -6.18
CA GLN B 2 -10.42 13.63 -7.26
C GLN B 2 -8.92 13.93 -7.20
N LYS B 3 -8.14 12.88 -6.96
CA LYS B 3 -6.70 13.01 -6.86
C LYS B 3 -6.05 12.33 -8.05
N THR B 4 -5.07 13.01 -8.65
CA THR B 4 -4.37 12.48 -9.80
C THR B 4 -3.28 11.50 -9.34
N PRO B 5 -3.18 10.34 -10.01
CA PRO B 5 -2.19 9.33 -9.68
C PRO B 5 -0.75 9.67 -10.03
N GLN B 6 0.15 9.38 -9.11
CA GLN B 6 1.57 9.59 -9.30
C GLN B 6 2.02 8.27 -9.91
N ILE B 7 2.92 8.33 -10.88
CA ILE B 7 3.37 7.12 -11.55
C ILE B 7 4.88 6.95 -11.49
N GLN B 8 5.32 5.91 -10.78
CA GLN B 8 6.74 5.63 -10.62
C GLN B 8 7.12 4.29 -11.24
N VAL B 9 8.11 4.31 -12.14
CA VAL B 9 8.57 3.09 -12.81
C VAL B 9 10.02 2.88 -12.44
N TYR B 10 10.37 1.67 -11.98
CA TYR B 10 11.73 1.35 -11.56
C TYR B 10 11.97 -0.16 -11.48
N SER B 11 13.24 -0.55 -11.39
CA SER B 11 13.59 -1.96 -11.30
C SER B 11 14.03 -2.35 -9.88
N ARG B 12 13.92 -3.63 -9.56
CA ARG B 12 14.32 -4.15 -8.25
C ARG B 12 15.83 -4.01 -8.03
N HIS B 13 16.59 -4.46 -9.03
CA HIS B 13 18.06 -4.39 -9.00
C HIS B 13 18.56 -3.37 -9.99
N PRO B 14 19.76 -2.82 -9.74
CA PRO B 14 20.29 -1.84 -10.70
C PRO B 14 20.33 -2.60 -12.02
N PRO B 15 19.84 -1.99 -13.10
CA PRO B 15 19.82 -2.63 -14.41
C PRO B 15 21.17 -3.14 -14.92
N GLU B 16 21.16 -4.36 -15.45
CA GLU B 16 22.35 -4.98 -16.00
C GLU B 16 21.90 -5.93 -17.13
N ASN B 17 22.19 -5.51 -18.36
CA ASN B 17 21.80 -6.29 -19.55
C ASN B 17 22.03 -7.79 -19.39
N GLY B 18 21.03 -8.58 -19.79
CA GLY B 18 21.15 -10.02 -19.69
C GLY B 18 21.00 -10.62 -18.30
N LYS B 19 20.65 -9.79 -17.31
CA LYS B 19 20.50 -10.29 -15.95
C LYS B 19 19.06 -10.15 -15.45
N PRO B 20 18.40 -11.28 -15.13
CA PRO B 20 17.01 -11.28 -14.65
C PRO B 20 16.79 -10.17 -13.62
N ASN B 21 15.64 -9.52 -13.72
CA ASN B 21 15.34 -8.41 -12.82
C ASN B 21 13.82 -8.36 -12.69
N ILE B 22 13.31 -7.28 -12.11
CA ILE B 22 11.88 -7.10 -11.96
C ILE B 22 11.57 -5.63 -12.24
N LEU B 23 10.55 -5.39 -13.06
CA LEU B 23 10.17 -4.02 -13.38
C LEU B 23 8.89 -3.68 -12.63
N ASN B 24 8.93 -2.55 -11.95
CA ASN B 24 7.81 -2.08 -11.17
C ASN B 24 7.21 -0.79 -11.70
N CYS B 25 5.92 -0.65 -11.45
CA CYS B 25 5.17 0.55 -11.81
C CYS B 25 4.25 0.75 -10.62
N TYR B 26 4.63 1.69 -9.76
CA TYR B 26 3.88 2.02 -8.58
C TYR B 26 2.99 3.20 -8.93
N VAL B 27 1.68 2.99 -8.85
CA VAL B 27 0.71 4.02 -9.15
C VAL B 27 0.12 4.42 -7.80
N THR B 28 0.26 5.69 -7.43
CA THR B 28 -0.21 6.13 -6.12
C THR B 28 -1.02 7.41 -6.03
N GLN B 29 -1.55 7.62 -4.82
CA GLN B 29 -2.33 8.81 -4.48
C GLN B 29 -3.50 9.18 -5.39
N PHE B 30 -4.18 8.19 -5.97
CA PHE B 30 -5.30 8.50 -6.83
C PHE B 30 -6.66 8.21 -6.18
N HIS B 31 -7.69 8.79 -6.78
CA HIS B 31 -9.08 8.64 -6.33
C HIS B 31 -9.97 9.28 -7.38
N PRO B 32 -11.10 8.64 -7.75
CA PRO B 32 -11.63 7.35 -7.29
C PRO B 32 -10.69 6.18 -7.59
N PRO B 33 -11.05 4.97 -7.12
CA PRO B 33 -10.25 3.76 -7.32
C PRO B 33 -10.21 3.15 -8.73
N HIS B 34 -11.21 3.40 -9.56
CA HIS B 34 -11.21 2.82 -10.90
C HIS B 34 -10.01 3.35 -11.71
N ILE B 35 -9.24 2.42 -12.26
CA ILE B 35 -8.04 2.81 -12.99
C ILE B 35 -7.54 1.64 -13.85
N GLU B 36 -6.94 1.95 -14.98
CA GLU B 36 -6.39 0.91 -15.85
C GLU B 36 -4.88 1.11 -15.89
N ILE B 37 -4.14 0.03 -15.66
CA ILE B 37 -2.68 0.10 -15.66
C ILE B 37 -2.07 -0.94 -16.61
N GLN B 38 -1.20 -0.47 -17.50
CA GLN B 38 -0.59 -1.37 -18.45
C GLN B 38 0.92 -1.17 -18.58
N MET B 39 1.66 -2.26 -18.49
CA MET B 39 3.11 -2.19 -18.63
C MET B 39 3.39 -2.49 -20.09
N LEU B 40 4.38 -1.82 -20.69
CA LEU B 40 4.67 -2.01 -22.11
C LEU B 40 6.14 -2.23 -22.47
N LYS B 41 6.37 -3.17 -23.37
CA LYS B 41 7.71 -3.46 -23.84
C LYS B 41 7.76 -3.07 -25.32
N ASN B 42 8.57 -2.05 -25.62
CA ASN B 42 8.70 -1.56 -27.00
C ASN B 42 7.33 -1.27 -27.61
N GLY B 43 6.49 -0.56 -26.87
CA GLY B 43 5.16 -0.21 -27.35
C GLY B 43 4.16 -1.35 -27.38
N LYS B 44 4.61 -2.55 -27.01
CA LYS B 44 3.72 -3.70 -27.01
C LYS B 44 3.37 -4.12 -25.57
N LYS B 45 2.08 -4.31 -25.31
CA LYS B 45 1.59 -4.69 -24.00
C LYS B 45 2.15 -6.00 -23.43
N ILE B 46 2.67 -5.93 -22.20
CA ILE B 46 3.23 -7.09 -21.54
C ILE B 46 2.07 -7.89 -20.94
N PRO B 47 2.02 -9.19 -21.24
CA PRO B 47 0.97 -10.11 -20.75
C PRO B 47 1.01 -10.49 -19.27
N LYS B 48 2.09 -11.12 -18.84
CA LYS B 48 2.20 -11.57 -17.46
C LYS B 48 2.52 -10.44 -16.46
N VAL B 49 1.53 -9.58 -16.21
CA VAL B 49 1.72 -8.47 -15.28
C VAL B 49 0.93 -8.75 -14.00
N GLU B 50 1.65 -8.82 -12.89
CA GLU B 50 1.05 -9.09 -11.59
C GLU B 50 0.74 -7.78 -10.86
N MET B 51 -0.48 -7.69 -10.33
CA MET B 51 -0.88 -6.51 -9.58
C MET B 51 -0.76 -6.88 -8.10
N SER B 52 -0.35 -5.93 -7.28
CA SER B 52 -0.20 -6.23 -5.86
C SER B 52 -0.05 -5.00 -5.00
N ASP B 53 0.20 -5.23 -3.72
CA ASP B 53 0.41 -4.16 -2.76
C ASP B 53 -0.62 -3.05 -2.78
N MET B 54 -1.90 -3.41 -2.87
CA MET B 54 -2.93 -2.39 -2.86
C MET B 54 -3.15 -1.95 -1.43
N SER B 55 -3.41 -0.66 -1.26
CA SER B 55 -3.67 -0.12 0.08
C SER B 55 -4.00 1.35 -0.10
N PHE B 56 -4.31 2.03 1.01
CA PHE B 56 -4.58 3.46 0.96
C PHE B 56 -3.72 4.17 1.99
N SER B 57 -3.51 5.46 1.81
CA SER B 57 -2.72 6.24 2.74
C SER B 57 -3.69 6.81 3.75
N LYS B 58 -3.20 7.69 4.62
CA LYS B 58 -4.02 8.33 5.65
C LYS B 58 -5.17 9.12 5.04
N ASP B 59 -4.91 9.85 3.94
CA ASP B 59 -5.94 10.64 3.29
C ASP B 59 -6.86 9.80 2.38
N TRP B 60 -6.76 8.49 2.53
CA TRP B 60 -7.56 7.52 1.79
C TRP B 60 -7.30 7.31 0.31
N SER B 61 -6.30 8.00 -0.26
CA SER B 61 -6.01 7.83 -1.68
C SER B 61 -5.41 6.44 -1.91
N PHE B 62 -5.71 5.86 -3.08
CA PHE B 62 -5.24 4.51 -3.39
C PHE B 62 -3.79 4.35 -3.87
N TYR B 63 -3.20 3.20 -3.56
CA TYR B 63 -1.85 2.82 -3.94
C TYR B 63 -1.92 1.41 -4.53
N ILE B 64 -1.22 1.17 -5.63
CA ILE B 64 -1.24 -0.15 -6.26
C ILE B 64 0.05 -0.41 -7.03
N LEU B 65 0.54 -1.64 -6.96
CA LEU B 65 1.79 -2.00 -7.64
C LEU B 65 1.62 -2.99 -8.79
N ALA B 66 2.19 -2.64 -9.92
CA ALA B 66 2.16 -3.51 -11.08
C ALA B 66 3.62 -3.83 -11.30
N HIS B 67 3.93 -5.11 -11.48
CA HIS B 67 5.31 -5.52 -11.70
C HIS B 67 5.35 -6.80 -12.53
N THR B 68 6.49 -7.02 -13.16
CA THR B 68 6.67 -8.18 -14.00
C THR B 68 8.15 -8.52 -14.07
N GLU B 69 8.44 -9.76 -14.44
CA GLU B 69 9.82 -10.20 -14.58
C GLU B 69 10.32 -9.71 -15.93
N PHE B 70 11.60 -9.36 -16.01
CA PHE B 70 12.17 -8.90 -17.26
C PHE B 70 13.69 -8.94 -17.23
N THR B 71 14.29 -9.00 -18.40
CA THR B 71 15.73 -9.00 -18.52
C THR B 71 16.13 -7.85 -19.44
N PRO B 72 16.81 -6.84 -18.90
CA PRO B 72 17.27 -5.66 -19.63
C PRO B 72 18.10 -5.94 -20.87
N THR B 73 18.13 -4.98 -21.78
CA THR B 73 18.88 -5.08 -23.03
C THR B 73 19.22 -3.64 -23.41
N GLU B 74 20.24 -3.46 -24.26
CA GLU B 74 20.61 -2.11 -24.66
C GLU B 74 19.66 -1.55 -25.71
N THR B 75 18.60 -2.30 -26.01
CA THR B 75 17.65 -1.83 -27.01
C THR B 75 16.26 -1.63 -26.42
N ASP B 76 15.78 -2.63 -25.69
CA ASP B 76 14.45 -2.59 -25.09
C ASP B 76 14.12 -1.42 -24.19
N THR B 77 12.92 -0.87 -24.38
CA THR B 77 12.44 0.25 -23.58
C THR B 77 11.13 -0.19 -22.97
N TYR B 78 10.88 0.23 -21.74
CA TYR B 78 9.66 -0.14 -21.04
C TYR B 78 8.93 1.08 -20.57
N ALA B 79 7.61 0.97 -20.51
CA ALA B 79 6.81 2.10 -20.06
C ALA B 79 5.59 1.59 -19.31
N CYS B 80 4.94 2.51 -18.61
CA CYS B 80 3.77 2.19 -17.85
C CYS B 80 2.68 3.15 -18.29
N ARG B 81 1.59 2.63 -18.85
CA ARG B 81 0.51 3.50 -19.31
C ARG B 81 -0.67 3.40 -18.36
N VAL B 82 -1.14 4.55 -17.89
CA VAL B 82 -2.26 4.60 -16.95
C VAL B 82 -3.45 5.44 -17.40
N LYS B 83 -4.65 4.89 -17.20
CA LYS B 83 -5.88 5.60 -17.54
C LYS B 83 -6.65 5.81 -16.24
N HIS B 84 -7.02 7.06 -15.97
CA HIS B 84 -7.75 7.39 -14.75
C HIS B 84 -8.63 8.62 -14.98
N ASP B 85 -9.85 8.58 -14.44
CA ASP B 85 -10.81 9.68 -14.57
C ASP B 85 -10.25 11.10 -14.37
N SER B 86 -9.16 11.24 -13.61
CA SER B 86 -8.60 12.56 -13.36
C SER B 86 -7.67 13.00 -14.48
N MET B 87 -7.64 12.24 -15.55
CA MET B 87 -6.77 12.56 -16.68
C MET B 87 -7.51 12.44 -18.00
N ALA B 88 -7.34 13.43 -18.86
CA ALA B 88 -7.97 13.42 -20.17
C ALA B 88 -7.31 12.33 -21.00
N GLU B 89 -6.02 12.52 -21.28
CA GLU B 89 -5.26 11.57 -22.08
C GLU B 89 -4.58 10.53 -21.18
N PRO B 90 -4.46 9.28 -21.66
CA PRO B 90 -3.81 8.26 -20.85
C PRO B 90 -2.37 8.74 -20.65
N LYS B 91 -1.80 8.49 -19.48
CA LYS B 91 -0.43 8.91 -19.25
C LYS B 91 0.55 7.75 -19.31
N THR B 92 1.67 7.98 -19.97
CA THR B 92 2.71 6.97 -20.12
C THR B 92 4.01 7.45 -19.47
N VAL B 93 4.57 6.63 -18.61
CA VAL B 93 5.83 6.97 -17.98
C VAL B 93 6.85 5.94 -18.42
N TYR B 94 7.96 6.39 -18.98
CA TYR B 94 8.99 5.47 -19.44
C TYR B 94 10.03 5.19 -18.39
N TRP B 95 10.52 3.96 -18.38
CA TRP B 95 11.55 3.57 -17.44
C TRP B 95 12.86 4.27 -17.78
N ASP B 96 13.39 4.97 -16.78
CA ASP B 96 14.66 5.68 -16.93
C ASP B 96 15.68 4.83 -16.18
N ARG B 97 16.48 4.06 -16.91
CA ARG B 97 17.47 3.22 -16.26
C ARG B 97 18.67 3.99 -15.76
N ASP B 98 18.72 5.29 -16.06
CA ASP B 98 19.85 6.11 -15.61
C ASP B 98 19.56 7.01 -14.41
N MET B 99 18.35 6.90 -13.89
CA MET B 99 17.92 7.69 -12.73
C MET B 99 18.84 7.39 -11.53
N SER C 1 -7.56 -13.15 10.39
CA SER C 1 -8.86 -13.11 9.66
C SER C 1 -9.64 -11.86 10.00
N SER C 2 -10.15 -11.18 8.98
CA SER C 2 -10.91 -9.95 9.16
C SER C 2 -12.22 -10.21 9.90
N ILE C 3 -12.73 -9.18 10.57
CA ILE C 3 -13.98 -9.28 11.33
C ILE C 3 -15.17 -9.16 10.40
N GLU C 4 -16.32 -9.68 10.81
CA GLU C 4 -17.53 -9.55 9.99
C GLU C 4 -18.01 -8.12 10.21
N PHE C 5 -18.07 -7.33 9.14
CA PHE C 5 -18.47 -5.93 9.29
C PHE C 5 -19.96 -5.68 9.54
N ALA C 6 -20.23 -4.66 10.34
CA ALA C 6 -21.59 -4.27 10.70
C ALA C 6 -22.15 -3.24 9.71
N ARG C 7 -23.46 -3.20 9.57
CA ARG C 7 -24.11 -2.28 8.65
C ARG C 7 -24.00 -0.81 9.03
N LEU C 8 -23.91 0.06 8.03
CA LEU C 8 -23.82 1.49 8.29
C LEU C 8 -25.23 2.09 8.43
C1 NAG D . -31.76 16.01 -2.77
C2 NAG D . -32.47 16.90 -1.73
C3 NAG D . -33.94 17.16 -2.15
C4 NAG D . -34.02 17.38 -3.67
C5 NAG D . -33.52 16.15 -4.43
C6 NAG D . -32.68 16.48 -5.67
C7 NAG D . -33.49 16.03 0.31
C8 NAG D . -33.60 16.65 1.70
N2 NAG D . -32.39 16.31 -0.40
O3 NAG D . -34.41 18.31 -1.46
O4 NAG D . -35.37 17.65 -4.04
O5 NAG D . -32.72 15.29 -3.57
O6 NAG D . -31.69 17.44 -5.38
O7 NAG D . -34.38 15.30 -0.11
#